data_9OMN
#
_entry.id   9OMN
#
_cell.length_a   43.530
_cell.length_b   124.330
_cell.length_c   45.770
_cell.angle_alpha   90.000
_cell.angle_beta   93.950
_cell.angle_gamma   90.000
#
_symmetry.space_group_name_H-M   'P 1 21 1'
#
loop_
_entity.id
_entity.type
_entity.pdbx_description
1 polymer Glycosyltransferase
2 non-polymer GDP-2-deoxy-2-fluoro-beta-L-fucose
3 non-polymer GLYCINE
4 non-polymer GLYCEROL
5 non-polymer 'PHOSPHATE ION'
6 water water
#
_entity_poly.entity_id   1
_entity_poly.type   'polypeptide(L)'
_entity_poly.pdbx_seq_one_letter_code
;MGPEFDITVVIPTFKAEKTVGQCLESVLSQQGVSTEIIVVDGGSPDATISIVQSFSSTNLTIISEPDRGIYDAINKGVSR
AQGGMIGVLGADDVYKPNVLSVVKENASRGVEIVAGLTLIDGQLRADEQYRPAALISGIPFGHNAMFASQEAYRKVGLYD
LAYRICADAEWVHRAIKSDISCRKVEQVFVEFGTEGTSSTNPEEIIAEACSVIQRNFPFLLKEEAKYLLYGVRGWGETSR
IEQILRKYGHESVLFVTALQEAFPAVETAAALEHHHHHH
;
_entity_poly.pdbx_strand_id   A,B
#
loop_
_chem_comp.id
_chem_comp.type
_chem_comp.name
_chem_comp.formula
A1CCU non-polymer GDP-2-deoxy-2-fluoro-beta-L-fucose 'C16 H24 F N5 O14 P2'
GOL non-polymer GLYCEROL 'C3 H8 O3'
PO4 non-polymer 'PHOSPHATE ION' 'O4 P -3'
#
# COMPACT_ATOMS: atom_id res chain seq x y z
N GLU A 4 -3.84 -26.36 17.42
CA GLU A 4 -4.35 -27.69 17.10
C GLU A 4 -3.41 -28.40 16.12
N PHE A 5 -2.59 -27.62 15.41
CA PHE A 5 -1.64 -28.15 14.45
C PHE A 5 -0.22 -27.78 14.84
N ASP A 6 0.74 -28.59 14.40
CA ASP A 6 2.14 -28.22 14.56
C ASP A 6 2.50 -27.05 13.65
N ILE A 7 2.07 -27.10 12.40
CA ILE A 7 2.47 -26.14 11.38
C ILE A 7 1.22 -25.61 10.69
N THR A 8 1.25 -24.32 10.33
CA THR A 8 0.31 -23.75 9.39
C THR A 8 1.12 -23.22 8.20
N VAL A 9 0.68 -23.55 7.00
CA VAL A 9 1.32 -23.08 5.78
C VAL A 9 0.32 -22.18 5.05
N VAL A 10 0.70 -20.92 4.85
CA VAL A 10 -0.12 -19.94 4.15
C VAL A 10 0.40 -19.85 2.73
N ILE A 11 -0.48 -20.06 1.75
CA ILE A 11 -0.11 -20.00 0.35
C ILE A 11 -0.96 -18.92 -0.32
N PRO A 12 -0.38 -17.76 -0.62
CA PRO A 12 -1.09 -16.77 -1.44
C PRO A 12 -1.00 -17.14 -2.92
N THR A 13 -2.13 -17.07 -3.61
CA THR A 13 -2.21 -17.49 -5.00
C THR A 13 -3.03 -16.49 -5.81
N PHE A 14 -2.58 -16.22 -7.02
CA PHE A 14 -3.42 -15.57 -8.03
C PHE A 14 -2.96 -16.05 -9.40
N LYS A 15 -3.86 -16.69 -10.13
CA LYS A 15 -3.53 -17.31 -11.41
C LYS A 15 -2.31 -18.22 -11.28
N ALA A 16 -2.46 -19.22 -10.41
CA ALA A 16 -1.37 -20.14 -10.05
C ALA A 16 -1.68 -21.57 -10.47
N GLU A 17 -2.49 -21.74 -11.51
CA GLU A 17 -2.93 -23.07 -11.91
C GLU A 17 -1.78 -23.94 -12.39
N LYS A 18 -0.67 -23.35 -12.82
CA LYS A 18 0.39 -24.11 -13.46
C LYS A 18 1.28 -24.84 -12.46
N THR A 19 1.38 -24.34 -11.22
CA THR A 19 2.29 -24.92 -10.24
C THR A 19 1.67 -25.21 -8.89
N VAL A 20 0.49 -24.66 -8.57
CA VAL A 20 -0.03 -24.77 -7.21
C VAL A 20 -0.20 -26.23 -6.80
N GLY A 21 -0.35 -27.14 -7.77
CA GLY A 21 -0.44 -28.56 -7.42
C GLY A 21 0.86 -29.10 -6.88
N GLN A 22 1.98 -28.79 -7.55
CA GLN A 22 3.29 -29.17 -7.03
C GLN A 22 3.51 -28.60 -5.64
N CYS A 23 3.16 -27.33 -5.44
CA CYS A 23 3.34 -26.70 -4.13
C CYS A 23 2.57 -27.43 -3.05
N LEU A 24 1.27 -27.67 -3.28
CA LEU A 24 0.48 -28.42 -2.31
C LEU A 24 1.05 -29.83 -2.11
N GLU A 25 1.52 -30.46 -3.18
CA GLU A 25 2.11 -31.79 -3.04
C GLU A 25 3.35 -31.76 -2.14
N SER A 26 4.18 -30.71 -2.27
CA SER A 26 5.39 -30.62 -1.46
C SER A 26 5.07 -30.43 0.02
N VAL A 27 3.89 -29.91 0.35
CA VAL A 27 3.50 -29.68 1.73
C VAL A 27 2.84 -30.92 2.33
N LEU A 28 1.92 -31.54 1.58
CA LEU A 28 1.15 -32.66 2.11
C LEU A 28 1.98 -33.91 2.31
N SER A 29 3.11 -34.03 1.61
CA SER A 29 3.98 -35.19 1.76
C SER A 29 4.94 -35.06 2.94
N GLN A 30 4.86 -33.96 3.70
CA GLN A 30 5.72 -33.78 4.87
C GLN A 30 5.28 -34.71 5.98
N GLN A 31 6.18 -35.60 6.39
CA GLN A 31 5.86 -36.58 7.43
C GLN A 31 6.28 -36.06 8.81
N GLY A 32 5.64 -36.64 9.83
CA GLY A 32 5.99 -36.36 11.22
C GLY A 32 5.31 -35.16 11.84
N VAL A 33 4.42 -34.48 11.14
CA VAL A 33 3.77 -33.28 11.66
C VAL A 33 2.29 -33.29 11.28
N SER A 34 1.48 -32.63 12.11
CA SER A 34 0.11 -32.31 11.75
C SER A 34 0.12 -30.89 11.17
N THR A 35 -0.42 -30.75 9.95
CA THR A 35 -0.32 -29.50 9.21
C THR A 35 -1.71 -28.95 8.88
N GLU A 36 -1.81 -27.62 8.89
CA GLU A 36 -2.97 -26.91 8.38
C GLU A 36 -2.51 -26.06 7.19
N ILE A 37 -3.29 -26.08 6.12
CA ILE A 37 -3.00 -25.30 4.93
C ILE A 37 -4.10 -24.27 4.74
N ILE A 38 -3.69 -23.02 4.54
CA ILE A 38 -4.61 -21.92 4.25
C ILE A 38 -4.18 -21.33 2.92
N VAL A 39 -4.98 -21.54 1.89
CA VAL A 39 -4.78 -20.91 0.59
C VAL A 39 -5.59 -19.63 0.55
N VAL A 40 -4.93 -18.53 0.22
CA VAL A 40 -5.56 -17.20 0.15
C VAL A 40 -5.46 -16.77 -1.30
N ASP A 41 -6.57 -16.89 -2.04
CA ASP A 41 -6.62 -16.63 -3.47
C ASP A 41 -7.23 -15.26 -3.72
N GLY A 42 -6.64 -14.50 -4.64
CA GLY A 42 -7.07 -13.15 -4.91
C GLY A 42 -8.19 -13.08 -5.94
N GLY A 43 -8.88 -14.20 -6.15
CA GLY A 43 -9.96 -14.26 -7.11
C GLY A 43 -9.51 -14.77 -8.47
N SER A 44 -8.88 -15.94 -8.47
CA SER A 44 -8.25 -16.44 -9.69
C SER A 44 -9.31 -16.76 -10.74
N PRO A 45 -9.14 -16.29 -11.99
CA PRO A 45 -10.08 -16.67 -13.05
C PRO A 45 -9.82 -18.05 -13.65
N ASP A 46 -8.68 -18.67 -13.33
CA ASP A 46 -8.28 -19.89 -14.00
C ASP A 46 -8.67 -21.11 -13.16
N ALA A 47 -7.98 -22.23 -13.36
CA ALA A 47 -8.25 -23.47 -12.66
C ALA A 47 -7.70 -23.51 -11.24
N THR A 48 -7.04 -22.44 -10.77
CA THR A 48 -6.35 -22.53 -9.48
C THR A 48 -7.23 -23.15 -8.41
N ILE A 49 -8.48 -22.69 -8.30
CA ILE A 49 -9.34 -23.20 -7.24
C ILE A 49 -9.66 -24.67 -7.49
N SER A 50 -9.89 -25.04 -8.74
CA SER A 50 -10.22 -26.42 -9.08
C SER A 50 -9.09 -27.37 -8.73
N ILE A 51 -7.84 -26.92 -8.83
CA ILE A 51 -6.73 -27.78 -8.46
C ILE A 51 -6.63 -27.89 -6.94
N VAL A 52 -6.86 -26.78 -6.24
CA VAL A 52 -6.77 -26.79 -4.78
C VAL A 52 -7.83 -27.71 -4.19
N GLN A 53 -9.05 -27.67 -4.74
CA GLN A 53 -10.10 -28.56 -4.27
C GLN A 53 -9.81 -30.02 -4.57
N SER A 54 -9.00 -30.31 -5.58
CA SER A 54 -8.60 -31.69 -5.81
C SER A 54 -7.85 -32.26 -4.61
N PHE A 55 -7.15 -31.41 -3.86
CA PHE A 55 -6.49 -31.79 -2.62
C PHE A 55 -7.41 -31.63 -1.41
N SER A 56 -8.72 -31.66 -1.61
CA SER A 56 -9.68 -31.45 -0.52
C SER A 56 -9.34 -32.29 0.70
N SER A 57 -9.36 -31.65 1.86
CA SER A 57 -9.08 -32.33 3.13
C SER A 57 -9.61 -31.47 4.27
N THR A 58 -9.66 -32.08 5.45
CA THR A 58 -10.16 -31.37 6.62
C THR A 58 -9.19 -30.29 7.11
N ASN A 59 -7.92 -30.38 6.71
CA ASN A 59 -6.89 -29.47 7.19
C ASN A 59 -6.48 -28.44 6.14
N LEU A 60 -7.32 -28.25 5.13
CA LEU A 60 -7.09 -27.23 4.10
C LEU A 60 -8.25 -26.24 4.12
N THR A 61 -7.91 -24.96 4.06
CA THR A 61 -8.89 -23.88 3.99
C THR A 61 -8.64 -23.06 2.75
N ILE A 62 -9.71 -22.72 2.04
CA ILE A 62 -9.64 -21.92 0.82
C ILE A 62 -10.37 -20.62 1.05
N ILE A 63 -9.65 -19.50 0.93
CA ILE A 63 -10.22 -18.16 0.86
C ILE A 63 -10.06 -17.69 -0.57
N SER A 64 -11.15 -17.18 -1.15
CA SER A 64 -11.10 -16.66 -2.53
C SER A 64 -11.90 -15.36 -2.56
N GLU A 65 -11.19 -14.24 -2.60
CA GLU A 65 -11.80 -12.92 -2.64
C GLU A 65 -10.73 -11.94 -3.09
N PRO A 66 -11.13 -10.76 -3.58
CA PRO A 66 -10.13 -9.75 -3.94
C PRO A 66 -9.39 -9.23 -2.71
N ASP A 67 -8.12 -8.90 -2.92
CA ASP A 67 -7.29 -8.36 -1.85
C ASP A 67 -6.41 -7.25 -2.43
N ARG A 68 -5.62 -6.62 -1.56
CA ARG A 68 -4.77 -5.51 -1.95
C ARG A 68 -3.33 -5.93 -2.22
N GLY A 69 -3.06 -7.21 -2.42
CA GLY A 69 -1.76 -7.68 -2.85
C GLY A 69 -1.30 -8.88 -2.06
N ILE A 70 -0.05 -9.29 -2.35
CA ILE A 70 0.49 -10.51 -1.77
C ILE A 70 0.51 -10.44 -0.24
N TYR A 71 0.92 -9.30 0.31
CA TYR A 71 1.03 -9.19 1.76
C TYR A 71 -0.32 -8.97 2.43
N ASP A 72 -1.31 -8.48 1.68
CA ASP A 72 -2.66 -8.44 2.22
C ASP A 72 -3.22 -9.85 2.35
N ALA A 73 -2.98 -10.69 1.34
CA ALA A 73 -3.39 -12.09 1.42
C ALA A 73 -2.60 -12.85 2.48
N ILE A 74 -1.33 -12.51 2.66
CA ILE A 74 -0.54 -13.15 3.72
C ILE A 74 -1.12 -12.80 5.08
N ASN A 75 -1.46 -11.53 5.30
CA ASN A 75 -2.03 -11.13 6.58
C ASN A 75 -3.34 -11.86 6.86
N LYS A 76 -4.18 -12.05 5.84
CA LYS A 76 -5.42 -12.79 6.04
C LYS A 76 -5.14 -14.21 6.51
N GLY A 77 -4.12 -14.86 5.92
CA GLY A 77 -3.85 -16.25 6.27
C GLY A 77 -3.20 -16.42 7.63
N VAL A 78 -2.24 -15.57 7.96
CA VAL A 78 -1.61 -15.62 9.28
C VAL A 78 -2.65 -15.40 10.37
N SER A 79 -3.60 -14.51 10.13
CA SER A 79 -4.60 -14.21 11.16
C SER A 79 -5.45 -15.43 11.48
N ARG A 80 -5.68 -16.30 10.50
CA ARG A 80 -6.50 -17.48 10.68
C ARG A 80 -5.68 -18.72 11.02
N ALA A 81 -4.35 -18.59 11.08
CA ALA A 81 -3.50 -19.74 11.37
C ALA A 81 -3.83 -20.31 12.74
N GLN A 82 -3.82 -21.64 12.83
CA GLN A 82 -4.06 -22.33 14.09
C GLN A 82 -2.87 -23.14 14.55
N GLY A 83 -1.81 -23.22 13.76
CA GLY A 83 -0.64 -23.99 14.14
C GLY A 83 0.33 -23.20 15.00
N GLY A 84 1.23 -23.94 15.65
CA GLY A 84 2.22 -23.30 16.50
C GLY A 84 3.21 -22.48 15.71
N MET A 85 3.72 -23.03 14.61
CA MET A 85 4.67 -22.35 13.72
C MET A 85 4.00 -22.09 12.38
N ILE A 86 4.16 -20.87 11.87
CA ILE A 86 3.52 -20.44 10.63
C ILE A 86 4.61 -20.19 9.59
N GLY A 87 4.44 -20.81 8.41
CA GLY A 87 5.27 -20.52 7.27
C GLY A 87 4.44 -19.95 6.13
N VAL A 88 5.13 -19.38 5.15
CA VAL A 88 4.50 -18.79 3.97
C VAL A 88 5.19 -19.33 2.73
N LEU A 89 4.40 -19.86 1.81
CA LEU A 89 4.92 -20.54 0.63
C LEU A 89 4.16 -20.04 -0.60
N GLY A 90 4.91 -19.65 -1.64
CA GLY A 90 4.29 -19.31 -2.90
C GLY A 90 4.04 -20.52 -3.76
N ALA A 91 3.12 -20.36 -4.71
CA ALA A 91 2.68 -21.47 -5.55
C ALA A 91 3.80 -22.00 -6.46
N ASP A 92 4.84 -21.20 -6.69
CA ASP A 92 5.98 -21.63 -7.49
C ASP A 92 7.11 -22.20 -6.64
N ASP A 93 6.91 -22.28 -5.34
CA ASP A 93 7.92 -22.79 -4.41
C ASP A 93 7.54 -24.19 -3.94
N VAL A 94 8.50 -24.85 -3.30
CA VAL A 94 8.26 -26.19 -2.77
C VAL A 94 9.15 -26.38 -1.54
N TYR A 95 8.59 -27.00 -0.51
CA TYR A 95 9.35 -27.40 0.66
C TYR A 95 10.14 -28.66 0.35
N LYS A 96 11.35 -28.76 0.89
CA LYS A 96 12.13 -29.98 0.77
C LYS A 96 11.61 -31.03 1.75
N PRO A 97 11.98 -32.29 1.55
CA PRO A 97 11.46 -33.35 2.42
C PRO A 97 11.93 -33.18 3.86
N ASN A 98 11.05 -33.52 4.80
CA ASN A 98 11.33 -33.54 6.23
C ASN A 98 11.60 -32.16 6.82
N VAL A 99 11.33 -31.09 6.07
CA VAL A 99 11.63 -29.75 6.56
C VAL A 99 10.73 -29.39 7.73
N LEU A 100 9.47 -29.83 7.71
CA LEU A 100 8.54 -29.44 8.77
C LEU A 100 8.85 -30.15 10.08
N SER A 101 9.32 -31.40 10.02
CA SER A 101 9.73 -32.08 11.23
C SER A 101 10.94 -31.39 11.85
N VAL A 102 11.88 -30.92 11.01
CA VAL A 102 13.01 -30.16 11.52
C VAL A 102 12.53 -28.90 12.22
N VAL A 103 11.58 -28.20 11.61
CA VAL A 103 11.06 -26.97 12.21
C VAL A 103 10.45 -27.27 13.58
N LYS A 104 9.66 -28.34 13.67
CA LYS A 104 9.00 -28.65 14.94
C LYS A 104 10.01 -29.01 16.02
N GLU A 105 11.07 -29.74 15.65
CA GLU A 105 12.07 -30.13 16.65
C GLU A 105 12.86 -28.92 17.12
N ASN A 106 13.26 -28.04 16.20
CA ASN A 106 14.01 -26.85 16.62
C ASN A 106 13.14 -25.91 17.44
N ALA A 107 11.85 -25.81 17.13
CA ALA A 107 10.94 -24.95 17.87
C ALA A 107 10.53 -25.55 19.20
N SER A 108 10.73 -26.85 19.39
CA SER A 108 10.37 -27.51 20.62
C SER A 108 11.19 -27.02 21.82
N ARG A 109 12.15 -26.12 21.58
CA ARG A 109 12.96 -25.53 22.65
C ARG A 109 12.47 -24.15 23.05
N GLY A 110 11.39 -23.66 22.45
CA GLY A 110 10.86 -22.35 22.76
C GLY A 110 11.30 -21.25 21.81
N VAL A 111 12.17 -21.55 20.85
CA VAL A 111 12.58 -20.54 19.89
C VAL A 111 11.40 -20.13 19.04
N GLU A 112 11.27 -18.82 18.79
CA GLU A 112 10.09 -18.27 18.14
C GLU A 112 10.21 -18.22 16.62
N ILE A 113 11.42 -18.27 16.08
CA ILE A 113 11.63 -18.27 14.63
C ILE A 113 12.63 -19.35 14.28
N VAL A 114 12.32 -20.13 13.24
CA VAL A 114 13.21 -21.14 12.69
C VAL A 114 13.33 -20.86 11.20
N ALA A 115 14.53 -20.53 10.76
CA ALA A 115 14.78 -20.22 9.35
C ALA A 115 15.81 -21.19 8.79
N GLY A 116 15.67 -21.49 7.51
CA GLY A 116 16.60 -22.38 6.83
C GLY A 116 17.19 -21.76 5.58
N LEU A 117 17.90 -22.56 4.81
CA LEU A 117 18.52 -22.09 3.59
C LEU A 117 17.51 -22.12 2.44
N THR A 118 17.83 -21.37 1.38
CA THR A 118 16.94 -21.22 0.24
C THR A 118 17.73 -21.49 -1.03
N LEU A 119 17.15 -22.26 -1.93
CA LEU A 119 17.79 -22.64 -3.18
C LEU A 119 17.10 -21.89 -4.31
N ILE A 120 17.85 -21.01 -4.97
CA ILE A 120 17.35 -20.19 -6.06
C ILE A 120 18.19 -20.51 -7.30
N ASP A 121 17.55 -21.07 -8.32
CA ASP A 121 18.23 -21.38 -9.58
C ASP A 121 19.50 -22.21 -9.32
N GLY A 122 19.39 -23.17 -8.40
CA GLY A 122 20.51 -24.04 -8.13
C GLY A 122 21.65 -23.39 -7.37
N GLN A 123 21.39 -22.29 -6.68
CA GLN A 123 22.40 -21.61 -5.88
C GLN A 123 21.81 -21.24 -4.53
N LEU A 124 22.65 -21.24 -3.51
CA LEU A 124 22.21 -20.86 -2.18
C LEU A 124 22.05 -19.35 -2.08
N ARG A 125 20.95 -18.92 -1.46
CA ARG A 125 20.78 -17.50 -1.20
C ARG A 125 21.92 -17.02 -0.30
N ALA A 126 22.44 -15.82 -0.60
CA ALA A 126 23.52 -15.23 0.18
C ALA A 126 22.91 -14.65 1.46
N ASP A 127 22.77 -15.50 2.46
CA ASP A 127 22.11 -15.11 3.69
C ASP A 127 23.05 -14.29 4.57
N GLU A 128 22.45 -13.45 5.41
CA GLU A 128 23.16 -12.72 6.45
C GLU A 128 22.70 -13.26 7.81
N GLN A 129 23.33 -12.75 8.86
CA GLN A 129 22.97 -13.14 10.21
C GLN A 129 21.74 -12.37 10.69
N TYR A 130 20.89 -13.05 11.45
CA TYR A 130 19.77 -12.45 12.16
C TYR A 130 20.33 -11.72 13.38
N ARG A 131 20.51 -10.41 13.26
CA ARG A 131 21.15 -9.60 14.29
C ARG A 131 20.99 -8.13 13.92
N PRO A 132 21.31 -7.18 14.81
CA PRO A 132 21.11 -5.77 14.47
C PRO A 132 21.85 -5.30 13.22
N ALA A 133 22.92 -5.99 12.81
CA ALA A 133 23.62 -5.60 11.59
C ALA A 133 22.72 -5.71 10.36
N ALA A 134 21.67 -6.52 10.41
CA ALA A 134 20.76 -6.63 9.28
C ALA A 134 19.85 -5.42 9.14
N LEU A 135 19.68 -4.64 10.20
CA LEU A 135 18.82 -3.47 10.17
C LEU A 135 19.30 -2.40 9.19
N ILE A 136 20.52 -2.52 8.67
CA ILE A 136 21.03 -1.59 7.66
C ILE A 136 21.18 -2.31 6.33
N SER A 137 20.39 -3.37 6.13
CA SER A 137 20.48 -4.15 4.91
C SER A 137 19.09 -4.56 4.41
N GLY A 138 18.87 -5.85 4.16
CA GLY A 138 17.59 -6.37 3.71
C GLY A 138 17.15 -7.47 4.65
N ILE A 139 16.35 -8.39 4.11
CA ILE A 139 15.92 -9.53 4.93
C ILE A 139 17.07 -10.53 5.02
N PRO A 140 17.50 -10.92 6.22
CA PRO A 140 18.70 -11.75 6.34
C PRO A 140 18.56 -13.15 5.76
N PHE A 141 17.35 -13.69 5.69
CA PHE A 141 17.14 -15.01 5.10
C PHE A 141 15.88 -14.99 4.24
N GLY A 142 15.77 -15.98 3.35
CA GLY A 142 14.60 -16.11 2.51
C GLY A 142 13.33 -16.14 3.33
N HIS A 143 12.32 -15.37 2.93
CA HIS A 143 11.09 -15.29 3.70
C HIS A 143 10.31 -16.59 3.63
N ASN A 144 10.31 -17.24 2.46
N ASN A 144 10.32 -17.25 2.46
CA ASN A 144 9.63 -18.52 2.31
CA ASN A 144 9.63 -18.52 2.31
C ASN A 144 10.33 -19.66 3.05
C ASN A 144 10.33 -19.67 3.03
N ALA A 145 11.53 -19.43 3.56
CA ALA A 145 12.25 -20.40 4.36
C ALA A 145 12.09 -20.14 5.85
N MET A 146 11.22 -19.20 6.24
CA MET A 146 11.08 -18.78 7.62
C MET A 146 9.80 -19.33 8.22
N PHE A 147 9.88 -19.77 9.47
CA PHE A 147 8.73 -20.19 10.26
C PHE A 147 8.71 -19.38 11.55
N ALA A 148 7.61 -18.66 11.79
CA ALA A 148 7.46 -17.82 12.96
C ALA A 148 6.29 -18.31 13.80
N SER A 149 6.50 -18.37 15.11
CA SER A 149 5.48 -18.89 16.01
C SER A 149 4.30 -17.94 16.10
N GLN A 150 3.24 -18.41 16.75
CA GLN A 150 2.09 -17.55 17.01
C GLN A 150 2.49 -16.34 17.86
N GLU A 151 3.31 -16.57 18.89
CA GLU A 151 3.76 -15.48 19.75
C GLU A 151 4.53 -14.43 18.95
N ALA A 152 5.45 -14.88 18.08
CA ALA A 152 6.24 -13.94 17.29
C ALA A 152 5.34 -12.99 16.51
N TYR A 153 4.33 -13.52 15.82
CA TYR A 153 3.41 -12.66 15.09
C TYR A 153 2.60 -11.80 16.05
N ARG A 154 2.13 -12.40 17.15
CA ARG A 154 1.32 -11.65 18.10
C ARG A 154 2.09 -10.46 18.65
N LYS A 155 3.37 -10.63 18.95
CA LYS A 155 4.16 -9.53 19.49
C LYS A 155 4.57 -8.54 18.38
N VAL A 156 5.04 -9.06 17.25
CA VAL A 156 5.56 -8.18 16.21
C VAL A 156 4.42 -7.53 15.42
N GLY A 157 3.38 -8.30 15.10
CA GLY A 157 2.28 -7.79 14.31
C GLY A 157 2.33 -8.27 12.87
N LEU A 158 1.46 -7.67 12.05
CA LEU A 158 1.25 -8.10 10.68
C LEU A 158 2.17 -7.34 9.72
N TYR A 159 2.05 -7.66 8.43
CA TYR A 159 2.90 -7.07 7.41
C TYR A 159 2.36 -5.71 6.96
N ASP A 160 3.28 -4.75 6.82
CA ASP A 160 2.94 -3.36 6.49
C ASP A 160 2.65 -3.27 4.99
N LEU A 161 1.37 -3.07 4.65
CA LEU A 161 0.96 -3.00 3.25
C LEU A 161 1.53 -1.79 2.52
N ALA A 162 2.10 -0.81 3.24
CA ALA A 162 2.71 0.32 2.56
C ALA A 162 3.91 -0.11 1.73
N TYR A 163 4.56 -1.20 2.13
CA TYR A 163 5.69 -1.76 1.40
C TYR A 163 5.17 -2.90 0.52
N ARG A 164 5.10 -2.65 -0.79
CA ARG A 164 4.59 -3.65 -1.71
C ARG A 164 5.66 -4.62 -2.18
N ILE A 165 6.92 -4.42 -1.78
CA ILE A 165 8.00 -5.31 -2.17
C ILE A 165 8.71 -5.82 -0.93
N CYS A 166 9.20 -4.91 -0.08
CA CYS A 166 10.07 -5.26 1.05
C CYS A 166 9.32 -5.32 2.37
N ALA A 167 8.03 -5.65 2.35
CA ALA A 167 7.30 -5.83 3.60
C ALA A 167 7.87 -6.99 4.40
N ASP A 168 8.43 -8.00 3.74
CA ASP A 168 9.02 -9.12 4.45
C ASP A 168 10.24 -8.68 5.25
N ALA A 169 11.15 -7.93 4.60
CA ALA A 169 12.33 -7.44 5.30
C ALA A 169 11.94 -6.56 6.49
N GLU A 170 10.95 -5.69 6.30
CA GLU A 170 10.52 -4.82 7.39
C GLU A 170 9.98 -5.61 8.58
N TRP A 171 9.26 -6.70 8.30
CA TRP A 171 8.72 -7.50 9.39
C TRP A 171 9.82 -8.20 10.18
N VAL A 172 10.84 -8.70 9.47
CA VAL A 172 11.96 -9.36 10.14
C VAL A 172 12.76 -8.34 10.95
N HIS A 173 12.90 -7.13 10.43
CA HIS A 173 13.61 -6.09 11.18
C HIS A 173 12.87 -5.72 12.45
N ARG A 174 11.53 -5.75 12.42
CA ARG A 174 10.77 -5.51 13.64
C ARG A 174 10.91 -6.66 14.62
N ALA A 175 11.04 -7.89 14.11
CA ALA A 175 11.29 -9.02 14.98
C ALA A 175 12.66 -8.92 15.64
N ILE A 176 13.69 -8.55 14.87
CA ILE A 176 15.01 -8.33 15.45
C ILE A 176 14.94 -7.29 16.56
N LYS A 177 14.30 -6.15 16.28
CA LYS A 177 14.23 -5.09 17.29
C LYS A 177 13.43 -5.52 18.51
N SER A 178 12.41 -6.36 18.31
CA SER A 178 11.62 -6.87 19.43
C SER A 178 12.32 -8.00 20.20
N ASP A 179 13.55 -8.35 19.82
CA ASP A 179 14.29 -9.42 20.48
C ASP A 179 13.57 -10.76 20.37
N ILE A 180 13.03 -11.05 19.18
CA ILE A 180 12.42 -12.35 18.93
C ILE A 180 13.53 -13.37 18.70
N SER A 181 13.50 -14.45 19.47
CA SER A 181 14.53 -15.49 19.35
C SER A 181 14.43 -16.17 17.99
N CYS A 182 15.59 -16.49 17.42
CA CYS A 182 15.67 -17.06 16.08
C CYS A 182 16.76 -18.12 16.04
N ARG A 183 16.47 -19.24 15.39
CA ARG A 183 17.44 -20.31 15.18
C ARG A 183 17.55 -20.59 13.69
N LYS A 184 18.77 -20.59 13.18
CA LYS A 184 19.05 -20.75 11.75
C LYS A 184 19.60 -22.16 11.52
N VAL A 185 18.85 -22.98 10.80
CA VAL A 185 19.28 -24.33 10.46
C VAL A 185 19.94 -24.29 9.09
N GLU A 186 21.18 -24.76 9.02
CA GLU A 186 21.93 -24.75 7.76
C GLU A 186 21.52 -25.91 6.86
N GLN A 187 20.20 -25.99 6.59
CA GLN A 187 19.64 -26.96 5.65
C GLN A 187 18.73 -26.23 4.69
N VAL A 188 18.59 -26.77 3.49
CA VAL A 188 17.73 -26.18 2.47
C VAL A 188 16.28 -26.49 2.83
N PHE A 189 15.49 -25.43 3.04
CA PHE A 189 14.08 -25.56 3.36
C PHE A 189 13.17 -25.40 2.14
N VAL A 190 13.53 -24.53 1.21
CA VAL A 190 12.68 -24.19 0.08
C VAL A 190 13.52 -24.02 -1.17
N GLU A 191 12.95 -24.40 -2.31
CA GLU A 191 13.53 -24.18 -3.62
C GLU A 191 12.55 -23.41 -4.49
N PHE A 192 13.08 -22.53 -5.34
CA PHE A 192 12.26 -21.86 -6.35
C PHE A 192 13.15 -21.18 -7.38
N ASN A 201 11.07 -2.66 -12.20
CA ASN A 201 11.24 -1.49 -11.34
C ASN A 201 12.23 -1.74 -10.22
N PRO A 202 13.49 -2.06 -10.55
CA PRO A 202 14.48 -2.28 -9.49
C PRO A 202 14.75 -1.03 -8.66
N GLU A 203 14.70 0.15 -9.27
CA GLU A 203 14.89 1.38 -8.51
C GLU A 203 13.86 1.50 -7.38
N GLU A 204 12.66 0.96 -7.60
CA GLU A 204 11.65 0.96 -6.55
C GLU A 204 12.01 -0.03 -5.44
N ILE A 205 12.66 -1.14 -5.79
CA ILE A 205 13.17 -2.05 -4.77
C ILE A 205 14.19 -1.32 -3.89
N ILE A 206 15.08 -0.56 -4.52
CA ILE A 206 16.08 0.19 -3.76
C ILE A 206 15.41 1.23 -2.87
N ALA A 207 14.44 1.96 -3.43
CA ALA A 207 13.74 2.97 -2.64
C ALA A 207 13.05 2.36 -1.44
N GLU A 208 12.36 1.24 -1.63
CA GLU A 208 11.69 0.58 -0.51
C GLU A 208 12.69 0.08 0.51
N ALA A 209 13.82 -0.45 0.06
CA ALA A 209 14.84 -0.93 0.99
C ALA A 209 15.38 0.22 1.83
N CYS A 210 15.63 1.37 1.20
CA CYS A 210 16.14 2.51 1.95
C CYS A 210 15.10 3.06 2.92
N SER A 211 13.82 3.01 2.54
CA SER A 211 12.76 3.48 3.43
C SER A 211 12.62 2.58 4.65
N VAL A 212 12.75 1.26 4.43
CA VAL A 212 12.74 0.31 5.55
C VAL A 212 13.88 0.62 6.51
N ILE A 213 15.09 0.81 5.96
CA ILE A 213 16.24 1.15 6.80
C ILE A 213 15.97 2.45 7.57
N GLN A 214 15.35 3.43 6.91
CA GLN A 214 15.04 4.69 7.59
C GLN A 214 14.03 4.51 8.70
N ARG A 215 13.09 3.58 8.53
CA ARG A 215 12.16 3.27 9.62
C ARG A 215 12.92 2.74 10.83
N ASN A 216 14.03 2.04 10.61
CA ASN A 216 14.88 1.63 11.72
C ASN A 216 15.59 2.84 12.32
N PHE A 217 16.21 3.66 11.48
CA PHE A 217 17.05 4.77 11.91
C PHE A 217 16.51 6.05 11.25
N PRO A 218 15.47 6.65 11.84
CA PRO A 218 14.80 7.78 11.19
C PRO A 218 15.70 9.00 11.01
N PHE A 219 16.90 8.99 11.58
CA PHE A 219 17.81 10.12 11.42
C PHE A 219 18.62 10.06 10.12
N LEU A 220 18.52 8.97 9.37
CA LEU A 220 19.28 8.82 8.13
C LEU A 220 18.58 9.49 6.96
N LEU A 221 19.35 10.10 6.07
CA LEU A 221 18.85 10.49 4.76
C LEU A 221 18.75 9.25 3.87
N LYS A 222 18.08 9.40 2.73
CA LYS A 222 17.94 8.27 1.81
C LYS A 222 19.28 7.85 1.23
N GLU A 223 20.13 8.83 0.87
CA GLU A 223 21.41 8.49 0.29
C GLU A 223 22.33 7.82 1.31
N GLU A 224 22.21 8.18 2.59
CA GLU A 224 23.04 7.55 3.61
C GLU A 224 22.60 6.13 3.86
N ALA A 225 21.28 5.87 3.90
CA ALA A 225 20.79 4.52 4.02
C ALA A 225 21.20 3.67 2.82
N LYS A 226 21.13 4.24 1.61
CA LYS A 226 21.57 3.52 0.43
C LYS A 226 23.05 3.17 0.52
N TYR A 227 23.87 4.10 1.00
CA TYR A 227 25.30 3.83 1.17
C TYR A 227 25.51 2.65 2.11
N LEU A 228 24.82 2.67 3.27
CA LEU A 228 24.95 1.58 4.22
C LEU A 228 24.51 0.26 3.60
N LEU A 229 23.37 0.25 2.93
CA LEU A 229 22.86 -0.96 2.30
C LEU A 229 23.90 -1.56 1.35
N TYR A 230 24.38 -0.77 0.39
CA TYR A 230 25.37 -1.27 -0.55
C TYR A 230 26.64 -1.73 0.16
N GLY A 231 27.02 -1.05 1.24
CA GLY A 231 28.21 -1.45 1.97
C GLY A 231 28.05 -2.81 2.64
N VAL A 232 26.88 -3.06 3.22
CA VAL A 232 26.65 -4.34 3.87
C VAL A 232 26.54 -5.46 2.84
N ARG A 233 25.93 -5.17 1.69
CA ARG A 233 25.68 -6.17 0.66
C ARG A 233 26.84 -6.33 -0.31
N GLY A 234 28.02 -5.80 0.02
CA GLY A 234 29.16 -5.92 -0.85
C GLY A 234 28.97 -5.31 -2.21
N TRP A 235 27.94 -4.49 -2.38
CA TRP A 235 27.71 -3.78 -3.62
C TRP A 235 28.44 -2.44 -3.68
N GLY A 236 28.86 -1.91 -2.52
CA GLY A 236 29.41 -0.58 -2.48
C GLY A 236 30.64 -0.41 -1.61
N GLU A 237 31.03 0.85 -1.44
CA GLU A 237 32.25 1.26 -0.77
C GLU A 237 32.02 1.41 0.73
N THR A 238 33.12 1.43 1.50
CA THR A 238 33.04 1.53 2.95
C THR A 238 33.98 2.58 3.53
N SER A 239 34.45 3.53 2.73
CA SER A 239 35.36 4.55 3.24
C SER A 239 34.65 5.63 4.05
N ARG A 240 33.32 5.76 3.91
CA ARG A 240 32.57 6.78 4.62
C ARG A 240 31.86 6.27 5.86
N ILE A 241 31.99 4.97 6.17
CA ILE A 241 31.24 4.41 7.30
C ILE A 241 31.63 5.12 8.59
N GLU A 242 32.92 5.40 8.78
CA GLU A 242 33.35 6.08 10.00
C GLU A 242 32.78 7.48 10.08
N GLN A 243 32.60 8.15 8.94
CA GLN A 243 31.96 9.47 8.95
C GLN A 243 30.52 9.37 9.44
N ILE A 244 29.78 8.40 8.94
CA ILE A 244 28.37 8.25 9.33
C ILE A 244 28.26 7.91 10.80
N LEU A 245 29.15 7.03 11.29
CA LEU A 245 29.11 6.63 12.69
C LEU A 245 29.34 7.82 13.62
N ARG A 246 30.39 8.60 13.33
CA ARG A 246 30.67 9.78 14.16
C ARG A 246 29.52 10.77 14.10
N LYS A 247 28.80 10.80 12.98
CA LYS A 247 27.76 11.79 12.77
C LYS A 247 26.48 11.43 13.54
N TYR A 248 26.10 10.16 13.54
CA TYR A 248 24.86 9.73 14.16
C TYR A 248 25.07 8.80 15.35
N GLY A 249 26.32 8.51 15.72
CA GLY A 249 26.55 7.53 16.77
C GLY A 249 25.84 7.87 18.07
N HIS A 250 25.70 9.16 18.37
CA HIS A 250 25.03 9.61 19.57
C HIS A 250 23.52 9.37 19.52
N GLU A 251 22.97 9.04 18.35
CA GLU A 251 21.52 8.95 18.21
C GLU A 251 20.96 7.65 18.75
N SER A 252 21.67 6.53 18.56
CA SER A 252 21.16 5.23 18.95
C SER A 252 22.32 4.27 19.16
N VAL A 253 22.33 3.60 20.32
CA VAL A 253 23.31 2.55 20.55
C VAL A 253 23.10 1.40 19.59
N LEU A 254 21.84 1.15 19.20
CA LEU A 254 21.56 0.07 18.25
C LEU A 254 22.14 0.38 16.88
N PHE A 255 22.17 1.66 16.49
CA PHE A 255 22.83 2.04 15.25
C PHE A 255 24.32 1.76 15.30
N VAL A 256 24.95 2.05 16.44
CA VAL A 256 26.37 1.79 16.59
C VAL A 256 26.65 0.29 16.54
N THR A 257 25.83 -0.50 17.24
CA THR A 257 26.01 -1.95 17.20
C THR A 257 25.86 -2.50 15.79
N ALA A 258 24.86 -2.01 15.06
CA ALA A 258 24.64 -2.49 13.69
C ALA A 258 25.84 -2.19 12.81
N LEU A 259 26.45 -1.01 12.98
CA LEU A 259 27.61 -0.66 12.17
C LEU A 259 28.85 -1.44 12.59
N GLN A 260 29.01 -1.70 13.90
CA GLN A 260 30.18 -2.44 14.36
C GLN A 260 30.12 -3.90 13.95
N GLU A 261 28.91 -4.49 13.92
CA GLU A 261 28.79 -5.88 13.48
C GLU A 261 28.97 -6.00 11.97
N ALA A 262 28.45 -5.02 11.22
CA ALA A 262 28.50 -5.07 9.76
C ALA A 262 29.89 -4.77 9.23
N PHE A 263 30.58 -3.81 9.84
CA PHE A 263 31.91 -3.38 9.41
C PHE A 263 32.86 -3.48 10.60
N PRO A 264 33.23 -4.69 11.02
CA PRO A 264 34.07 -4.83 12.22
C PRO A 264 35.38 -4.05 12.12
N ALA A 265 35.86 -3.78 10.91
CA ALA A 265 37.09 -3.00 10.76
C ALA A 265 36.97 -1.62 11.36
N VAL A 266 35.76 -1.15 11.61
CA VAL A 266 35.54 0.18 12.19
C VAL A 266 35.36 0.06 13.70
N GLU B 4 -9.82 26.90 13.30
CA GLU B 4 -9.26 28.22 13.55
C GLU B 4 -9.04 28.96 12.22
N PHE B 5 -8.94 28.19 11.14
CA PHE B 5 -8.73 28.74 9.80
C PHE B 5 -9.87 28.33 8.89
N ASP B 6 -10.10 29.14 7.85
CA ASP B 6 -11.05 28.76 6.82
C ASP B 6 -10.56 27.53 6.07
N ILE B 7 -9.31 27.54 5.64
CA ILE B 7 -8.75 26.53 4.75
C ILE B 7 -7.46 26.00 5.38
N THR B 8 -7.20 24.72 5.16
CA THR B 8 -5.87 24.13 5.38
C THR B 8 -5.42 23.52 4.07
N VAL B 9 -4.18 23.82 3.66
CA VAL B 9 -3.58 23.26 2.46
C VAL B 9 -2.40 22.39 2.90
N VAL B 10 -2.44 21.12 2.49
CA VAL B 10 -1.38 20.16 2.77
C VAL B 10 -0.54 20.01 1.51
N ILE B 11 0.76 20.21 1.65
CA ILE B 11 1.68 20.09 0.52
C ILE B 11 2.74 19.04 0.86
N PRO B 12 2.60 17.82 0.34
CA PRO B 12 3.68 16.84 0.48
C PRO B 12 4.82 17.18 -0.48
N THR B 13 6.04 17.10 0.03
CA THR B 13 7.21 17.50 -0.76
C THR B 13 8.34 16.50 -0.57
N PHE B 14 9.04 16.21 -1.66
CA PHE B 14 10.33 15.53 -1.60
C PHE B 14 11.09 15.88 -2.86
N LYS B 15 12.24 16.56 -2.71
CA LYS B 15 13.01 17.04 -3.85
C LYS B 15 12.15 17.92 -4.75
N ALA B 16 11.52 18.94 -4.16
CA ALA B 16 10.59 19.82 -4.84
C ALA B 16 11.11 21.25 -4.94
N GLU B 17 12.44 21.41 -5.00
CA GLU B 17 13.01 22.75 -5.02
C GLU B 17 12.65 23.50 -6.30
N LYS B 18 12.39 22.78 -7.39
CA LYS B 18 12.15 23.43 -8.67
C LYS B 18 10.93 24.34 -8.63
N THR B 19 9.85 23.89 -7.99
CA THR B 19 8.55 24.54 -8.13
C THR B 19 7.86 24.87 -6.81
N VAL B 20 8.38 24.42 -5.66
CA VAL B 20 7.65 24.59 -4.41
C VAL B 20 7.39 26.06 -4.13
N GLY B 21 8.24 26.95 -4.64
CA GLY B 21 8.00 28.38 -4.45
C GLY B 21 6.77 28.86 -5.19
N GLN B 22 6.60 28.40 -6.43
CA GLN B 22 5.40 28.77 -7.20
C GLN B 22 4.14 28.21 -6.56
N CYS B 23 4.23 27.00 -6.00
CA CYS B 23 3.08 26.42 -5.30
C CYS B 23 2.69 27.27 -4.10
N LEU B 24 3.66 27.60 -3.24
CA LEU B 24 3.36 28.41 -2.07
C LEU B 24 2.84 29.79 -2.48
N GLU B 25 3.38 30.37 -3.54
CA GLU B 25 2.91 31.67 -4.00
C GLU B 25 1.44 31.61 -4.41
N SER B 26 1.05 30.55 -5.10
CA SER B 26 -0.34 30.43 -5.55
C SER B 26 -1.30 30.34 -4.38
N VAL B 27 -0.84 29.85 -3.23
CA VAL B 27 -1.71 29.72 -2.07
C VAL B 27 -1.76 31.03 -1.30
N LEU B 28 -0.60 31.62 -1.02
CA LEU B 28 -0.54 32.77 -0.13
C LEU B 28 -1.11 34.03 -0.76
N SER B 29 -1.23 34.08 -2.08
CA SER B 29 -1.88 35.19 -2.75
C SER B 29 -3.40 35.06 -2.75
N GLN B 30 -3.94 33.98 -2.19
CA GLN B 30 -5.38 33.82 -2.11
C GLN B 30 -5.95 34.82 -1.12
N GLN B 31 -6.89 35.64 -1.57
CA GLN B 31 -7.53 36.65 -0.73
C GLN B 31 -8.90 36.16 -0.27
N GLY B 32 -9.37 36.76 0.82
CA GLY B 32 -10.70 36.51 1.32
C GLY B 32 -10.82 35.41 2.35
N VAL B 33 -9.72 34.73 2.69
CA VAL B 33 -9.75 33.60 3.61
C VAL B 33 -8.54 33.67 4.53
N SER B 34 -8.66 33.04 5.69
CA SER B 34 -7.52 32.75 6.55
C SER B 34 -7.08 31.31 6.29
N THR B 35 -5.83 31.13 5.92
CA THR B 35 -5.32 29.84 5.45
C THR B 35 -4.17 29.37 6.31
N GLU B 36 -4.13 28.06 6.56
CA GLU B 36 -3.01 27.37 7.18
C GLU B 36 -2.35 26.50 6.12
N ILE B 37 -1.02 26.44 6.14
CA ILE B 37 -0.25 25.62 5.21
C ILE B 37 0.58 24.63 6.02
N ILE B 38 0.45 23.35 5.68
CA ILE B 38 1.23 22.29 6.31
C ILE B 38 2.06 21.64 5.21
N VAL B 39 3.37 21.82 5.26
CA VAL B 39 4.30 21.17 4.35
C VAL B 39 4.84 19.91 5.03
N VAL B 40 4.71 18.77 4.37
CA VAL B 40 5.12 17.48 4.91
C VAL B 40 6.22 16.95 3.99
N ASP B 41 7.47 17.14 4.41
CA ASP B 41 8.64 16.82 3.61
C ASP B 41 9.21 15.49 4.07
N GLY B 42 9.62 14.67 3.10
CA GLY B 42 10.11 13.33 3.39
C GLY B 42 11.58 13.26 3.69
N GLY B 43 12.21 14.39 3.98
CA GLY B 43 13.63 14.44 4.22
C GLY B 43 14.41 14.87 2.99
N SER B 44 14.04 16.01 2.43
CA SER B 44 14.66 16.46 1.19
C SER B 44 16.09 16.90 1.45
N PRO B 45 17.07 16.43 0.67
CA PRO B 45 18.44 16.92 0.80
C PRO B 45 18.72 18.20 0.03
N ASP B 46 17.77 18.69 -0.76
CA ASP B 46 17.96 19.87 -1.58
C ASP B 46 17.41 21.10 -0.85
N ALA B 47 17.34 22.23 -1.56
CA ALA B 47 16.89 23.50 -1.00
C ALA B 47 15.40 23.55 -0.74
N THR B 48 14.65 22.45 -0.84
CA THR B 48 13.20 22.53 -0.64
C THR B 48 12.86 23.25 0.65
N ILE B 49 13.52 22.87 1.75
CA ILE B 49 13.19 23.46 3.04
C ILE B 49 13.62 24.92 3.09
N SER B 50 14.71 25.27 2.41
CA SER B 50 15.12 26.68 2.35
C SER B 50 14.04 27.52 1.70
N ILE B 51 13.54 27.09 0.55
CA ILE B 51 12.55 27.87 -0.18
C ILE B 51 11.31 28.09 0.67
N VAL B 52 10.92 27.08 1.46
CA VAL B 52 9.73 27.20 2.28
C VAL B 52 9.99 28.11 3.48
N GLN B 53 11.25 28.29 3.87
CA GLN B 53 11.56 29.26 4.90
C GLN B 53 11.55 30.69 4.37
N SER B 54 11.83 30.86 3.07
CA SER B 54 11.80 32.20 2.47
C SER B 54 10.45 32.88 2.63
N PHE B 55 9.41 32.16 3.04
CA PHE B 55 8.09 32.73 3.27
C PHE B 55 7.91 32.97 4.75
N SER B 56 7.70 31.91 5.53
CA SER B 56 7.89 31.92 6.97
C SER B 56 6.92 32.80 7.76
N SER B 57 5.72 32.29 8.00
CA SER B 57 4.76 32.93 8.88
C SER B 57 4.32 31.98 9.98
N THR B 58 3.49 32.52 10.90
CA THR B 58 2.78 31.73 11.88
C THR B 58 1.67 30.90 11.26
N ASN B 59 1.47 31.01 9.95
CA ASN B 59 0.44 30.26 9.24
C ASN B 59 1.03 29.14 8.41
N LEU B 60 2.32 28.86 8.57
CA LEU B 60 3.00 27.79 7.86
C LEU B 60 3.69 26.87 8.86
N THR B 61 3.57 25.57 8.62
CA THR B 61 4.20 24.55 9.44
C THR B 61 5.04 23.65 8.53
N ILE B 62 6.23 23.28 9.00
CA ILE B 62 7.09 22.38 8.23
C ILE B 62 7.39 21.15 9.07
N ILE B 63 7.00 20.00 8.54
CA ILE B 63 7.44 18.70 9.05
C ILE B 63 8.44 18.15 8.05
N SER B 64 9.55 17.61 8.56
CA SER B 64 10.58 17.04 7.71
C SER B 64 11.13 15.79 8.37
N GLU B 65 10.77 14.64 7.82
CA GLU B 65 11.17 13.34 8.34
C GLU B 65 10.84 12.30 7.28
N PRO B 66 11.47 11.12 7.34
CA PRO B 66 11.15 10.07 6.37
C PRO B 66 9.72 9.54 6.54
N ASP B 67 9.10 9.20 5.42
CA ASP B 67 7.75 8.66 5.40
C ASP B 67 7.65 7.58 4.33
N ARG B 68 6.52 6.87 4.34
CA ARG B 68 6.30 5.75 3.44
C ARG B 68 5.60 6.13 2.14
N GLY B 69 5.67 7.40 1.74
CA GLY B 69 5.22 7.81 0.43
C GLY B 69 4.33 9.02 0.48
N ILE B 70 3.79 9.36 -0.69
CA ILE B 70 2.99 10.58 -0.82
C ILE B 70 1.77 10.54 0.09
N TYR B 71 1.09 9.39 0.15
CA TYR B 71 -0.14 9.30 0.94
C TYR B 71 0.14 9.15 2.43
N ASP B 72 1.32 8.69 2.80
CA ASP B 72 1.71 8.72 4.20
C ASP B 72 1.87 10.16 4.67
N ALA B 73 2.53 10.99 3.86
CA ALA B 73 2.70 12.40 4.21
C ALA B 73 1.38 13.14 4.19
N ILE B 74 0.48 12.79 3.26
CA ILE B 74 -0.84 13.41 3.23
C ILE B 74 -1.60 13.09 4.52
N ASN B 75 -1.57 11.82 4.94
CA ASN B 75 -2.23 11.44 6.18
C ASN B 75 -1.70 12.26 7.36
N LYS B 76 -0.39 12.49 7.43
CA LYS B 76 0.16 13.29 8.51
C LYS B 76 -0.40 14.71 8.49
N GLY B 77 -0.34 15.36 7.32
CA GLY B 77 -0.81 16.72 7.23
C GLY B 77 -2.28 16.86 7.54
N VAL B 78 -3.10 15.95 6.99
CA VAL B 78 -4.54 15.98 7.24
C VAL B 78 -4.82 15.80 8.73
N SER B 79 -4.06 14.91 9.38
CA SER B 79 -4.26 14.68 10.81
C SER B 79 -3.98 15.93 11.63
N ARG B 80 -3.03 16.75 11.19
CA ARG B 80 -2.66 17.96 11.92
C ARG B 80 -3.40 19.20 11.44
N ALA B 81 -4.31 19.05 10.47
CA ALA B 81 -4.98 20.20 9.89
C ALA B 81 -5.93 20.85 10.88
N GLN B 82 -5.95 22.18 10.90
CA GLN B 82 -6.84 22.94 11.76
C GLN B 82 -7.88 23.75 11.00
N GLY B 83 -7.88 23.70 9.67
CA GLY B 83 -8.87 24.42 8.91
C GLY B 83 -10.17 23.66 8.74
N GLY B 84 -11.24 24.40 8.48
CA GLY B 84 -12.53 23.76 8.29
C GLY B 84 -12.59 22.92 7.03
N MET B 85 -12.04 23.44 5.93
CA MET B 85 -11.94 22.72 4.67
C MET B 85 -10.47 22.46 4.36
N ILE B 86 -10.17 21.25 3.93
CA ILE B 86 -8.80 20.79 3.76
C ILE B 86 -8.57 20.42 2.30
N GLY B 87 -7.53 20.98 1.71
CA GLY B 87 -7.15 20.67 0.35
C GLY B 87 -5.73 20.13 0.29
N VAL B 88 -5.38 19.48 -0.82
CA VAL B 88 -4.07 18.90 -1.00
C VAL B 88 -3.52 19.35 -2.34
N LEU B 89 -2.29 19.86 -2.33
CA LEU B 89 -1.68 20.48 -3.50
C LEU B 89 -0.26 19.97 -3.62
N GLY B 90 0.11 19.54 -4.82
CA GLY B 90 1.47 19.14 -5.08
C GLY B 90 2.35 20.32 -5.46
N ALA B 91 3.66 20.16 -5.24
CA ALA B 91 4.58 21.26 -5.52
C ALA B 91 4.60 21.65 -6.99
N ASP B 92 4.12 20.78 -7.88
CA ASP B 92 4.03 21.11 -9.30
C ASP B 92 2.72 21.80 -9.66
N ASP B 93 1.81 21.95 -8.70
CA ASP B 93 0.48 22.48 -8.95
C ASP B 93 0.37 23.92 -8.45
N VAL B 94 -0.73 24.58 -8.85
CA VAL B 94 -1.01 25.94 -8.42
C VAL B 94 -2.52 26.16 -8.41
N TYR B 95 -3.00 26.79 -7.34
CA TYR B 95 -4.40 27.20 -7.27
C TYR B 95 -4.60 28.45 -8.12
N LYS B 96 -5.74 28.50 -8.81
CA LYS B 96 -6.11 29.69 -9.56
C LYS B 96 -6.53 30.78 -8.58
N PRO B 97 -6.60 32.03 -9.03
CA PRO B 97 -6.98 33.11 -8.10
C PRO B 97 -8.43 32.98 -7.66
N ASN B 98 -8.68 33.33 -6.39
CA ASN B 98 -10.01 33.39 -5.81
C ASN B 98 -10.66 32.03 -5.65
N VAL B 99 -9.88 30.95 -5.71
CA VAL B 99 -10.44 29.61 -5.57
C VAL B 99 -10.80 29.34 -4.12
N LEU B 100 -9.94 29.74 -3.18
CA LEU B 100 -10.21 29.44 -1.78
C LEU B 100 -11.47 30.16 -1.30
N SER B 101 -11.70 31.39 -1.77
CA SER B 101 -12.93 32.08 -1.42
C SER B 101 -14.14 31.32 -1.94
N VAL B 102 -14.07 30.79 -3.16
CA VAL B 102 -15.18 30.00 -3.69
C VAL B 102 -15.41 28.77 -2.81
N VAL B 103 -14.34 28.13 -2.35
CA VAL B 103 -14.50 26.98 -1.47
C VAL B 103 -15.20 27.38 -0.18
N LYS B 104 -14.75 28.47 0.44
CA LYS B 104 -15.37 28.92 1.68
C LYS B 104 -16.82 29.32 1.46
N GLU B 105 -17.11 30.03 0.37
CA GLU B 105 -18.48 30.47 0.11
C GLU B 105 -19.40 29.27 -0.12
N ASN B 106 -18.93 28.28 -0.87
CA ASN B 106 -19.76 27.12 -1.13
C ASN B 106 -19.92 26.25 0.12
N ALA B 107 -18.85 26.12 0.92
CA ALA B 107 -18.91 25.31 2.12
C ALA B 107 -19.67 25.97 3.26
N SER B 108 -19.94 27.27 3.14
CA SER B 108 -20.72 27.96 4.17
C SER B 108 -22.10 27.34 4.36
N ARG B 109 -22.61 26.63 3.36
CA ARG B 109 -23.95 26.06 3.41
C ARG B 109 -24.03 24.73 4.14
N GLY B 110 -22.89 24.12 4.45
CA GLY B 110 -22.84 22.84 5.12
C GLY B 110 -22.38 21.69 4.26
N VAL B 111 -21.97 21.95 3.02
CA VAL B 111 -21.50 20.88 2.14
C VAL B 111 -20.13 20.42 2.61
N GLU B 112 -19.90 19.10 2.52
CA GLU B 112 -18.71 18.49 3.10
C GLU B 112 -17.56 18.37 2.12
N ILE B 113 -17.83 18.39 0.82
CA ILE B 113 -16.79 18.32 -0.21
C ILE B 113 -17.08 19.39 -1.26
N VAL B 114 -16.07 20.20 -1.57
CA VAL B 114 -16.14 21.20 -2.64
C VAL B 114 -15.04 20.90 -3.63
N ALA B 115 -15.41 20.61 -4.86
CA ALA B 115 -14.46 20.25 -5.91
C ALA B 115 -14.68 21.14 -7.13
N GLY B 116 -13.60 21.39 -7.84
CA GLY B 116 -13.67 22.15 -9.08
C GLY B 116 -13.05 21.43 -10.25
N LEU B 117 -12.88 22.14 -11.36
CA LEU B 117 -12.28 21.54 -12.55
C LEU B 117 -10.76 21.59 -12.47
N THR B 118 -10.12 20.78 -13.30
CA THR B 118 -8.67 20.69 -13.34
C THR B 118 -8.18 20.95 -14.75
N LEU B 119 -7.11 21.74 -14.85
CA LEU B 119 -6.52 22.11 -16.13
C LEU B 119 -5.20 21.37 -16.27
N ILE B 120 -5.17 20.39 -17.18
CA ILE B 120 -3.99 19.55 -17.39
C ILE B 120 -3.51 19.77 -18.81
N ASP B 121 -2.28 20.26 -18.95
CA ASP B 121 -1.67 20.53 -20.24
C ASP B 121 -2.58 21.40 -21.11
N GLY B 122 -3.19 22.41 -20.49
CA GLY B 122 -4.04 23.31 -21.22
C GLY B 122 -5.36 22.73 -21.67
N GLN B 123 -5.80 21.63 -21.06
CA GLN B 123 -7.09 21.03 -21.37
C GLN B 123 -7.80 20.68 -20.07
N LEU B 124 -9.13 20.71 -20.11
CA LEU B 124 -9.91 20.36 -18.94
C LEU B 124 -9.89 18.86 -18.72
N ARG B 125 -9.74 18.44 -17.47
CA ARG B 125 -9.86 17.02 -17.16
C ARG B 125 -11.29 16.57 -17.47
N ALA B 126 -11.40 15.36 -18.02
CA ALA B 126 -12.71 14.78 -18.34
C ALA B 126 -13.29 14.18 -17.06
N ASP B 127 -13.99 15.02 -16.30
CA ASP B 127 -14.54 14.60 -15.02
C ASP B 127 -15.82 13.80 -15.21
N GLU B 128 -16.12 12.96 -14.22
CA GLU B 128 -17.38 12.25 -14.12
C GLU B 128 -18.17 12.81 -12.94
N GLN B 129 -19.41 12.37 -12.80
CA GLN B 129 -20.25 12.86 -11.73
C GLN B 129 -19.96 12.11 -10.44
N TYR B 130 -19.97 12.83 -9.33
CA TYR B 130 -19.86 12.26 -7.99
C TYR B 130 -21.19 11.58 -7.66
N ARG B 131 -21.24 10.27 -7.86
CA ARG B 131 -22.45 9.47 -7.72
C ARG B 131 -22.04 8.00 -7.76
N PRO B 132 -22.96 7.06 -7.54
CA PRO B 132 -22.55 5.64 -7.56
C PRO B 132 -21.92 5.20 -8.87
N ALA B 133 -22.27 5.82 -9.99
CA ALA B 133 -21.65 5.45 -11.27
C ALA B 133 -20.13 5.55 -11.21
N ALA B 134 -19.60 6.41 -10.33
CA ALA B 134 -18.16 6.53 -10.22
C ALA B 134 -17.51 5.33 -9.54
N LEU B 135 -18.29 4.49 -8.84
CA LEU B 135 -17.72 3.37 -8.13
C LEU B 135 -17.20 2.27 -9.05
N ILE B 136 -17.55 2.30 -10.33
CA ILE B 136 -17.03 1.35 -11.32
C ILE B 136 -16.03 2.03 -12.25
N SER B 137 -15.46 3.16 -11.82
CA SER B 137 -14.51 3.89 -12.64
C SER B 137 -13.30 4.26 -11.80
N GLY B 138 -12.94 5.54 -11.76
CA GLY B 138 -11.83 6.02 -10.98
C GLY B 138 -12.27 7.21 -10.16
N ILE B 139 -11.31 8.08 -9.86
CA ILE B 139 -11.66 9.29 -9.10
C ILE B 139 -12.46 10.22 -10.01
N PRO B 140 -13.66 10.65 -9.61
CA PRO B 140 -14.51 11.42 -10.54
C PRO B 140 -13.99 12.82 -10.84
N PHE B 141 -13.24 13.43 -9.94
CA PHE B 141 -12.66 14.74 -10.17
C PHE B 141 -11.21 14.75 -9.74
N GLY B 142 -10.46 15.73 -10.22
CA GLY B 142 -9.07 15.87 -9.86
C GLY B 142 -8.87 15.96 -8.37
N HIS B 143 -8.00 15.13 -7.81
CA HIS B 143 -7.84 15.09 -6.36
C HIS B 143 -7.29 16.41 -5.83
N ASN B 144 -6.42 17.06 -6.59
N ASN B 144 -6.42 17.08 -6.58
CA ASN B 144 -5.89 18.37 -6.17
CA ASN B 144 -5.90 18.37 -6.16
C ASN B 144 -6.91 19.49 -6.33
C ASN B 144 -6.92 19.49 -6.31
N ALA B 145 -8.08 19.20 -6.91
CA ALA B 145 -9.16 20.17 -7.02
C ALA B 145 -10.24 19.93 -5.97
N MET B 146 -9.98 19.03 -5.02
CA MET B 146 -10.97 18.65 -4.02
C MET B 146 -10.65 19.31 -2.68
N PHE B 147 -11.71 19.71 -1.98
CA PHE B 147 -11.63 20.20 -0.62
C PHE B 147 -12.64 19.42 0.21
N ALA B 148 -12.17 18.82 1.31
CA ALA B 148 -13.02 18.03 2.19
C ALA B 148 -13.00 18.64 3.59
N SER B 149 -14.16 18.69 4.22
CA SER B 149 -14.23 19.27 5.56
C SER B 149 -13.61 18.32 6.59
N GLN B 150 -13.44 18.83 7.80
CA GLN B 150 -12.97 17.99 8.90
C GLN B 150 -13.95 16.85 9.18
N GLU B 151 -15.25 17.15 9.16
CA GLU B 151 -16.24 16.11 9.42
C GLU B 151 -16.17 15.02 8.37
N ALA B 152 -15.87 15.39 7.12
CA ALA B 152 -15.79 14.40 6.05
C ALA B 152 -14.63 13.43 6.27
N TYR B 153 -13.48 13.94 6.73
CA TYR B 153 -12.34 13.06 6.96
C TYR B 153 -12.54 12.20 8.20
N ARG B 154 -13.17 12.76 9.24
CA ARG B 154 -13.44 11.97 10.44
C ARG B 154 -14.43 10.86 10.16
N LYS B 155 -15.34 11.05 9.20
CA LYS B 155 -16.31 10.03 8.85
C LYS B 155 -15.77 9.03 7.83
N VAL B 156 -14.98 9.49 6.86
CA VAL B 156 -14.44 8.59 5.86
C VAL B 156 -13.12 7.96 6.30
N GLY B 157 -12.26 8.73 6.96
CA GLY B 157 -10.98 8.23 7.42
C GLY B 157 -9.83 8.76 6.58
N LEU B 158 -8.68 8.12 6.74
CA LEU B 158 -7.44 8.53 6.08
C LEU B 158 -7.20 7.65 4.85
N TYR B 159 -6.12 7.93 4.14
CA TYR B 159 -5.86 7.25 2.87
C TYR B 159 -5.18 5.92 3.08
N ASP B 160 -5.64 4.92 2.32
CA ASP B 160 -5.16 3.54 2.42
C ASP B 160 -3.79 3.44 1.75
N LEU B 161 -2.75 3.21 2.55
CA LEU B 161 -1.39 3.17 2.02
C LEU B 161 -1.13 1.94 1.14
N ALA B 162 -1.99 0.93 1.19
CA ALA B 162 -1.79 -0.22 0.31
C ALA B 162 -1.84 0.19 -1.16
N TYR B 163 -2.53 1.27 -1.48
CA TYR B 163 -2.59 1.81 -2.82
C TYR B 163 -1.60 2.97 -2.94
N ARG B 164 -0.52 2.75 -3.67
CA ARG B 164 0.49 3.79 -3.87
C ARG B 164 0.17 4.72 -5.02
N ILE B 165 -0.90 4.44 -5.78
CA ILE B 165 -1.27 5.29 -6.91
C ILE B 165 -2.71 5.78 -6.75
N CYS B 166 -3.65 4.86 -6.62
CA CYS B 166 -5.08 5.19 -6.64
C CYS B 166 -5.67 5.33 -5.24
N ALA B 167 -4.87 5.73 -4.25
CA ALA B 167 -5.43 5.96 -2.93
C ALA B 167 -6.40 7.14 -2.93
N ASP B 168 -6.21 8.09 -3.84
CA ASP B 168 -7.15 9.20 -3.95
C ASP B 168 -8.51 8.71 -4.42
N ALA B 169 -8.55 7.88 -5.45
CA ALA B 169 -9.81 7.34 -5.94
C ALA B 169 -10.50 6.49 -4.89
N GLU B 170 -9.74 5.65 -4.18
CA GLU B 170 -10.34 4.79 -3.16
C GLU B 170 -10.96 5.61 -2.03
N TRP B 171 -10.33 6.72 -1.65
CA TRP B 171 -10.91 7.58 -0.63
C TRP B 171 -12.21 8.20 -1.10
N VAL B 172 -12.23 8.71 -2.34
CA VAL B 172 -13.44 9.32 -2.88
C VAL B 172 -14.56 8.30 -2.99
N HIS B 173 -14.23 7.06 -3.35
CA HIS B 173 -15.26 6.03 -3.46
C HIS B 173 -15.82 5.66 -2.09
N ARG B 174 -14.99 5.72 -1.05
CA ARG B 174 -15.51 5.51 0.30
C ARG B 174 -16.42 6.66 0.71
N ALA B 175 -16.08 7.90 0.33
CA ALA B 175 -16.95 9.03 0.63
C ALA B 175 -18.30 8.89 -0.05
N ILE B 176 -18.30 8.51 -1.34
CA ILE B 176 -19.56 8.28 -2.04
C ILE B 176 -20.39 7.24 -1.31
N LYS B 177 -19.77 6.11 -0.96
CA LYS B 177 -20.49 5.06 -0.24
C LYS B 177 -20.94 5.52 1.14
N SER B 178 -20.23 6.49 1.72
CA SER B 178 -20.66 7.10 2.98
C SER B 178 -21.68 8.21 2.75
N ASP B 179 -22.03 8.50 1.50
CA ASP B 179 -23.02 9.53 1.18
C ASP B 179 -22.58 10.88 1.74
N ILE B 180 -21.30 11.20 1.54
CA ILE B 180 -20.78 12.52 1.90
C ILE B 180 -21.27 13.53 0.88
N SER B 181 -21.82 14.65 1.36
CA SER B 181 -22.35 15.66 0.46
C SER B 181 -21.23 16.30 -0.34
N CYS B 182 -21.49 16.56 -1.62
CA CYS B 182 -20.48 17.13 -2.51
C CYS B 182 -21.09 18.20 -3.40
N ARG B 183 -20.28 19.21 -3.70
CA ARG B 183 -20.66 20.33 -4.53
C ARG B 183 -19.61 20.51 -5.61
N LYS B 184 -19.97 20.21 -6.86
CA LYS B 184 -19.05 20.34 -7.99
C LYS B 184 -19.20 21.74 -8.60
N VAL B 185 -18.14 22.53 -8.52
CA VAL B 185 -18.10 23.87 -9.09
C VAL B 185 -17.49 23.79 -10.48
N GLU B 186 -18.18 24.33 -11.47
CA GLU B 186 -17.72 24.30 -12.85
C GLU B 186 -16.71 25.42 -13.10
N GLN B 187 -15.64 25.42 -12.31
CA GLN B 187 -14.59 26.42 -12.42
C GLN B 187 -13.25 25.72 -12.22
N VAL B 188 -12.22 26.25 -12.90
CA VAL B 188 -10.88 25.72 -12.75
C VAL B 188 -10.34 26.10 -11.37
N PHE B 189 -10.04 25.08 -10.55
CA PHE B 189 -9.41 25.27 -9.25
C PHE B 189 -7.89 25.18 -9.31
N VAL B 190 -7.36 24.24 -10.09
CA VAL B 190 -5.93 23.94 -10.10
C VAL B 190 -5.45 23.67 -11.52
N GLU B 191 -4.19 24.02 -11.78
CA GLU B 191 -3.50 23.67 -13.01
C GLU B 191 -2.33 22.78 -12.65
N PHE B 192 -2.34 21.54 -13.13
CA PHE B 192 -1.39 20.52 -12.71
C PHE B 192 -0.19 20.46 -13.64
N GLY B 193 0.99 20.24 -13.04
CA GLY B 193 2.22 20.19 -13.80
C GLY B 193 2.57 18.76 -14.18
N THR B 194 2.91 18.56 -15.45
CA THR B 194 3.23 17.24 -15.99
C THR B 194 4.74 16.99 -15.98
N GLU B 195 5.38 17.33 -14.85
CA GLU B 195 6.84 17.26 -14.70
C GLU B 195 7.60 17.40 -16.01
N SER B 199 7.25 7.86 -16.15
CA SER B 199 7.19 8.00 -14.70
C SER B 199 6.44 6.85 -14.06
N THR B 200 5.17 6.69 -14.45
CA THR B 200 4.32 5.61 -13.96
C THR B 200 3.73 4.88 -15.16
N ASN B 201 3.82 3.55 -15.15
CA ASN B 201 3.36 2.81 -16.31
C ASN B 201 1.87 2.48 -16.18
N PRO B 202 1.15 2.38 -17.29
CA PRO B 202 -0.31 2.22 -17.22
C PRO B 202 -0.75 0.93 -16.55
N GLU B 203 0.00 -0.16 -16.71
CA GLU B 203 -0.45 -1.45 -16.17
C GLU B 203 -0.68 -1.37 -14.67
N GLU B 204 0.24 -0.74 -13.93
CA GLU B 204 0.05 -0.62 -12.49
C GLU B 204 -1.17 0.23 -12.17
N ILE B 205 -1.42 1.27 -12.96
CA ILE B 205 -2.60 2.11 -12.75
C ILE B 205 -3.87 1.28 -12.94
N ILE B 206 -3.93 0.50 -14.02
CA ILE B 206 -5.09 -0.34 -14.26
C ILE B 206 -5.29 -1.33 -13.11
N ALA B 207 -4.21 -2.02 -12.72
CA ALA B 207 -4.32 -3.01 -11.66
C ALA B 207 -4.88 -2.40 -10.38
N GLU B 208 -4.34 -1.23 -9.97
CA GLU B 208 -4.85 -0.60 -8.76
C GLU B 208 -6.29 -0.14 -8.94
N ALA B 209 -6.63 0.40 -10.12
CA ALA B 209 -8.00 0.84 -10.34
C ALA B 209 -8.97 -0.32 -10.27
N CYS B 210 -8.61 -1.47 -10.86
CA CYS B 210 -9.47 -2.63 -10.80
C CYS B 210 -9.64 -3.11 -9.37
N SER B 211 -8.55 -3.15 -8.60
CA SER B 211 -8.64 -3.56 -7.21
C SER B 211 -9.55 -2.63 -6.42
N VAL B 212 -9.47 -1.32 -6.68
CA VAL B 212 -10.34 -0.37 -6.00
C VAL B 212 -11.80 -0.70 -6.30
N ILE B 213 -12.12 -0.89 -7.58
CA ILE B 213 -13.49 -1.24 -7.96
C ILE B 213 -13.91 -2.54 -7.28
N GLN B 214 -12.99 -3.50 -7.19
CA GLN B 214 -13.31 -4.76 -6.52
C GLN B 214 -13.51 -4.57 -5.03
N ARG B 215 -12.83 -3.60 -4.42
CA ARG B 215 -13.11 -3.28 -3.03
C ARG B 215 -14.55 -2.81 -2.86
N ASN B 216 -15.10 -2.13 -3.87
CA ASN B 216 -16.51 -1.75 -3.83
C ASN B 216 -17.41 -2.96 -4.02
N PHE B 217 -17.12 -3.77 -5.04
CA PHE B 217 -17.98 -4.90 -5.44
C PHE B 217 -17.12 -6.18 -5.41
N PRO B 218 -16.99 -6.81 -4.24
CA PRO B 218 -16.03 -7.93 -4.10
C PRO B 218 -16.40 -9.14 -4.93
N PHE B 219 -17.58 -9.19 -5.53
CA PHE B 219 -17.97 -10.33 -6.36
C PHE B 219 -17.39 -10.27 -7.76
N LEU B 220 -16.79 -9.15 -8.15
CA LEU B 220 -16.30 -8.98 -9.51
C LEU B 220 -14.91 -9.58 -9.68
N LEU B 221 -14.70 -10.27 -10.80
CA LEU B 221 -13.36 -10.68 -11.21
C LEU B 221 -12.60 -9.48 -11.76
N LYS B 222 -11.27 -9.58 -11.73
CA LYS B 222 -10.43 -8.51 -12.24
C LYS B 222 -10.83 -8.12 -13.66
N GLU B 223 -11.15 -9.11 -14.49
CA GLU B 223 -11.50 -8.84 -15.88
C GLU B 223 -12.80 -8.03 -15.97
N GLU B 224 -13.77 -8.35 -15.12
CA GLU B 224 -15.06 -7.67 -15.21
C GLU B 224 -14.96 -6.24 -14.69
N ALA B 225 -14.16 -6.02 -13.65
CA ALA B 225 -13.90 -4.67 -13.19
C ALA B 225 -13.19 -3.84 -14.25
N LYS B 226 -12.21 -4.44 -14.93
CA LYS B 226 -11.56 -3.75 -16.04
C LYS B 226 -12.53 -3.45 -17.16
N TYR B 227 -13.42 -4.40 -17.48
CA TYR B 227 -14.40 -4.18 -18.53
C TYR B 227 -15.32 -3.01 -18.18
N LEU B 228 -15.81 -2.97 -16.94
CA LEU B 228 -16.68 -1.87 -16.54
C LEU B 228 -15.93 -0.55 -16.53
N LEU B 229 -14.66 -0.57 -16.11
CA LEU B 229 -13.86 0.65 -16.10
C LEU B 229 -13.74 1.24 -17.50
N TYR B 230 -13.37 0.40 -18.48
CA TYR B 230 -13.26 0.88 -19.85
C TYR B 230 -14.62 1.26 -20.42
N GLY B 231 -15.68 0.57 -20.03
CA GLY B 231 -17.00 0.89 -20.55
C GLY B 231 -17.50 2.24 -20.08
N VAL B 232 -17.25 2.56 -18.80
CA VAL B 232 -17.62 3.88 -18.30
C VAL B 232 -16.76 4.95 -18.95
N ARG B 233 -15.47 4.70 -19.08
CA ARG B 233 -14.54 5.62 -19.74
C ARG B 233 -14.60 5.38 -21.25
N GLY B 234 -15.76 5.72 -21.81
CA GLY B 234 -16.00 5.61 -23.24
C GLY B 234 -14.81 5.96 -24.11
N GLY B 236 -15.62 2.36 -23.39
CA GLY B 236 -15.13 1.24 -24.16
C GLY B 236 -16.23 0.29 -24.59
N GLU B 237 -15.84 -0.88 -25.09
CA GLU B 237 -16.83 -1.86 -25.53
C GLU B 237 -17.81 -2.16 -24.40
N THR B 238 -19.10 -2.15 -24.74
CA THR B 238 -20.16 -2.26 -23.76
C THR B 238 -21.24 -3.26 -24.16
N SER B 239 -20.98 -4.11 -25.15
CA SER B 239 -21.96 -5.11 -25.54
C SER B 239 -22.13 -6.21 -24.50
N ARG B 240 -21.35 -6.18 -23.42
CA ARG B 240 -21.40 -7.21 -22.39
C ARG B 240 -21.96 -6.70 -21.06
N ILE B 241 -22.33 -5.42 -20.98
CA ILE B 241 -22.71 -4.82 -19.71
C ILE B 241 -23.94 -5.52 -19.13
N GLU B 242 -24.95 -5.78 -19.96
CA GLU B 242 -26.18 -6.39 -19.45
C GLU B 242 -25.92 -7.79 -18.91
N GLN B 243 -24.92 -8.49 -19.43
CA GLN B 243 -24.59 -9.81 -18.89
C GLN B 243 -24.06 -9.69 -17.47
N ILE B 244 -23.18 -8.72 -17.21
CA ILE B 244 -22.62 -8.55 -15.87
C ILE B 244 -23.71 -8.11 -14.90
N LEU B 245 -24.60 -7.21 -15.34
CA LEU B 245 -25.65 -6.72 -14.46
C LEU B 245 -26.56 -7.84 -14.00
N ARG B 246 -27.00 -8.68 -14.93
CA ARG B 246 -27.92 -9.77 -14.58
C ARG B 246 -27.19 -10.88 -13.82
N LYS B 247 -25.88 -10.99 -13.99
CA LYS B 247 -25.12 -12.02 -13.30
C LYS B 247 -24.95 -11.70 -11.82
N TYR B 248 -24.72 -10.43 -11.49
CA TYR B 248 -24.41 -10.03 -10.13
C TYR B 248 -25.45 -9.13 -9.49
N GLY B 249 -26.53 -8.79 -10.20
CA GLY B 249 -27.46 -7.80 -9.71
C GLY B 249 -28.08 -8.16 -8.37
N HIS B 250 -28.31 -9.45 -8.11
CA HIS B 250 -28.89 -9.87 -6.85
C HIS B 250 -27.98 -9.55 -5.67
N GLU B 251 -26.69 -9.28 -5.93
CA GLU B 251 -25.71 -9.16 -4.87
C GLU B 251 -25.82 -7.83 -4.13
N SER B 252 -26.05 -6.74 -4.85
CA SER B 252 -26.01 -5.42 -4.24
C SER B 252 -26.82 -4.43 -5.05
N VAL B 253 -27.75 -3.74 -4.38
CA VAL B 253 -28.53 -2.69 -5.05
C VAL B 253 -27.62 -1.56 -5.49
N LEU B 254 -26.50 -1.35 -4.79
CA LEU B 254 -25.58 -0.27 -5.16
C LEU B 254 -24.89 -0.57 -6.49
N PHE B 255 -24.56 -1.84 -6.74
CA PHE B 255 -24.03 -2.23 -8.03
C PHE B 255 -25.03 -1.95 -9.14
N VAL B 256 -26.29 -2.33 -8.93
CA VAL B 256 -27.33 -2.08 -9.92
C VAL B 256 -27.47 -0.58 -10.17
N THR B 257 -27.59 0.20 -9.11
CA THR B 257 -27.71 1.65 -9.26
C THR B 257 -26.55 2.20 -10.06
N ALA B 258 -25.32 1.81 -9.73
CA ALA B 258 -24.15 2.31 -10.44
C ALA B 258 -24.25 2.03 -11.93
N LEU B 259 -24.59 0.78 -12.28
CA LEU B 259 -24.67 0.41 -13.69
C LEU B 259 -25.78 1.15 -14.40
N GLN B 260 -26.92 1.35 -13.73
CA GLN B 260 -28.02 2.06 -14.39
C GLN B 260 -27.71 3.54 -14.55
N GLU B 261 -26.88 4.11 -13.67
CA GLU B 261 -26.46 5.50 -13.82
C GLU B 261 -25.41 5.65 -14.92
N ALA B 262 -24.49 4.68 -15.03
CA ALA B 262 -23.43 4.78 -16.01
C ALA B 262 -23.94 4.50 -17.42
N PHE B 263 -24.90 3.58 -17.54
CA PHE B 263 -25.40 3.11 -18.84
C PHE B 263 -26.92 3.15 -18.79
N PRO B 264 -27.51 4.31 -19.07
CA PRO B 264 -28.98 4.41 -19.01
C PRO B 264 -29.70 3.48 -19.98
N ALA B 265 -29.00 2.91 -20.97
CA ALA B 265 -29.65 1.96 -21.86
C ALA B 265 -30.04 0.68 -21.15
N VAL B 266 -29.42 0.40 -20.00
CA VAL B 266 -29.73 -0.82 -19.23
C VAL B 266 -30.74 -0.52 -18.13
N GLU B 267 -31.45 0.61 -18.24
CA GLU B 267 -32.40 1.02 -17.20
C GLU B 267 -33.59 0.07 -17.07
N THR B 268 -33.74 -0.87 -18.00
CA THR B 268 -34.82 -1.85 -17.90
C THR B 268 -34.38 -3.10 -17.16
N ALA B 269 -33.16 -3.57 -17.41
CA ALA B 269 -32.64 -4.69 -16.65
C ALA B 269 -32.41 -4.31 -15.20
N ALA B 270 -32.09 -3.04 -14.93
CA ALA B 270 -31.88 -2.59 -13.55
C ALA B 270 -33.18 -2.65 -12.77
N ALA B 271 -34.26 -2.13 -13.35
CA ALA B 271 -35.56 -2.20 -12.68
C ALA B 271 -35.93 -3.64 -12.39
N LEU B 272 -35.74 -4.54 -13.36
CA LEU B 272 -36.06 -5.95 -13.14
C LEU B 272 -35.24 -6.52 -11.98
N GLU B 273 -33.98 -6.12 -11.88
CA GLU B 273 -33.14 -6.59 -10.79
C GLU B 273 -33.61 -6.02 -9.45
N HIS B 274 -34.03 -4.76 -9.44
CA HIS B 274 -34.64 -4.19 -8.24
C HIS B 274 -35.86 -4.97 -7.81
N HIS B 275 -36.73 -5.31 -8.77
CA HIS B 275 -37.99 -5.98 -8.44
C HIS B 275 -37.74 -7.37 -7.87
N HIS B 276 -36.98 -8.20 -8.59
CA HIS B 276 -36.84 -9.61 -8.22
C HIS B 276 -35.86 -9.84 -7.07
N HIS B 277 -35.12 -8.83 -6.63
CA HIS B 277 -34.08 -9.05 -5.64
C HIS B 277 -34.05 -8.01 -4.54
N HIS B 278 -34.08 -6.72 -4.90
CA HIS B 278 -33.75 -5.65 -3.96
C HIS B 278 -34.97 -4.78 -3.68
N HIS B 279 -35.58 -5.01 -2.51
CA HIS B 279 -36.67 -4.18 -2.03
C HIS B 279 -36.27 -3.48 -0.74
C17 A1CCU C . 3.51 -14.46 -5.12
C21 A1CCU C . 1.41 -15.76 -6.55
C28 A1CCU C . -1.06 -13.13 -5.14
C01 A1CCU C . 5.23 -15.47 -1.75
C02 A1CCU C . 5.87 -14.10 -1.76
C03 A1CCU C . 6.69 -13.95 -0.46
C05 A1CCU C . 7.56 -12.76 -0.45
C07 A1CCU C . 8.34 -12.63 -1.69
C09 A1CCU C . 7.42 -12.69 -2.94
C18 A1CCU C . 2.66 -15.49 -4.74
C19 A1CCU C . 2.23 -16.44 -5.93
C23 A1CCU C . 0.53 -15.02 -5.35
C25 A1CCU C . 0.60 -12.78 -6.52
C27 A1CCU C . -1.21 -11.88 -5.65
C30 A1CCU C . -3.18 -12.87 -3.73
C33 A1CCU C . -2.40 -11.01 -5.21
F08 A1CCU C . 9.03 -11.40 -1.68
N24 A1CCU C . 0.06 -13.68 -5.69
N26 A1CCU C . -0.20 -11.65 -6.50
N29 A1CCU C . -2.03 -13.67 -4.16
N31 A1CCU C . -4.15 -13.41 -2.76
N32 A1CCU C . -3.35 -11.53 -4.27
O04 A1CCU C . 7.53 -15.10 -0.29
O06 A1CCU C . 8.51 -12.87 0.69
O10 A1CCU C . 8.19 -12.52 -4.06
O12 A1CCU C . 7.92 -14.80 -5.23
O13 A1CCU C . 6.33 -12.93 -6.03
O15 A1CCU C . 6.22 -14.69 -7.95
O16 A1CCU C . 4.55 -14.99 -5.97
O20 A1CCU C . 1.58 -17.69 -5.38
O22 A1CCU C . 0.52 -16.61 -7.37
O34 A1CCU C . -2.55 -9.91 -5.66
O35 A1CCU C . 1.31 -14.90 -4.32
O36 A1CCU C . 4.38 -13.09 -7.73
O37 A1CCU C . 8.89 -12.93 -6.52
O38 A1CCU C . 6.67 -13.96 -2.96
P11 A1CCU C . 7.84 -13.33 -5.48
P14 A1CCU C . 5.38 -13.92 -6.97
H171 A1CCU C . 2.96 -13.72 -5.66
H172 A1CCU C . 3.95 -14.02 -4.25
H211 A1CCU C . 1.90 -15.05 -7.20
H012 A1CCU C . 5.26 -15.89 -0.74
H011 A1CCU C . 5.76 -16.13 -2.45
H013 A1CCU C . 4.17 -15.38 -2.07
H021 A1CCU C . 5.11 -13.35 -1.78
H031 A1CCU C . 5.96 -13.86 0.37
H051 A1CCU C . 6.96 -11.87 -0.33
H071 A1CCU C . 9.04 -13.42 -1.75
H091 A1CCU C . 6.70 -11.87 -2.93
H181 A1CCU C . 3.16 -16.07 -3.97
H191 A1CCU C . 3.05 -16.71 -6.56
H231 A1CCU C . -0.32 -15.69 -5.16
H251 A1CCU C . 1.48 -12.91 -7.10
H311 A1CCU C . -4.02 -14.34 -2.39
H312 A1CCU C . -4.94 -12.85 -2.45
H321 A1CCU C . -4.13 -10.96 -3.99
H041 A1CCU C . 7.88 -15.13 0.63
H061 A1CCU C . 8.37 -12.15 1.29
H201 A1CCU C . 1.02 -18.10 -6.04
H221 A1CCU C . 0.69 -16.45 -8.31
N GLY D . 11.17 -19.01 -9.19
CA GLY D . 10.79 -18.46 -10.48
C GLY D . 11.95 -17.81 -11.21
O GLY D . 13.05 -17.71 -10.66
HA2 GLY D . 10.44 -19.18 -11.03
HA3 GLY D . 10.10 -17.80 -10.35
C1 GOL E . 31.31 5.47 19.11
O1 GOL E . 30.45 6.49 19.51
C2 GOL E . 31.89 4.83 20.39
O2 GOL E . 32.57 3.65 20.11
C3 GOL E . 32.82 5.91 20.99
O3 GOL E . 34.13 5.50 20.72
H11 GOL E . 30.87 4.80 18.59
H12 GOL E . 32.04 5.80 18.57
HO1 GOL E . 30.29 6.38 20.35
H2 GOL E . 31.18 4.59 21.01
HO2 GOL E . 32.99 3.76 19.37
H31 GOL E . 32.59 6.77 20.61
H32 GOL E . 32.62 5.99 21.94
P PO4 F . 12.16 -8.97 -1.21
O1 PO4 F . 13.19 -10.07 -1.12
O2 PO4 F . 10.78 -9.56 -1.00
O3 PO4 F . 12.43 -7.94 -0.14
O4 PO4 F . 12.23 -8.32 -2.57
P PO4 G . 3.75 -7.42 24.44
O1 PO4 G . 5.24 -7.25 24.60
O2 PO4 G . 3.19 -8.09 25.67
O3 PO4 G . 3.10 -6.08 24.26
O4 PO4 G . 3.47 -8.27 23.23
P PO4 H . -2.80 -4.27 -6.29
O1 PO4 H . -1.34 -3.94 -6.08
O2 PO4 H . -3.17 -5.51 -5.51
O3 PO4 H . -3.64 -3.12 -5.78
O4 PO4 H . -3.06 -4.51 -7.75
P PO4 I . 0.57 -36.96 -0.88
O1 PO4 I . 1.55 -35.81 -0.80
O2 PO4 I . 0.06 -37.28 0.51
O3 PO4 I . -0.59 -36.55 -1.76
O4 PO4 I . 1.26 -38.17 -1.46
P PO4 J . 29.59 2.69 -3.70
O1 PO4 J . 30.90 1.94 -3.82
O2 PO4 J . 29.24 2.83 -2.23
O3 PO4 J . 29.74 4.06 -4.31
O4 PO4 J . 28.50 1.92 -4.40
C17 A1CCU K . 3.56 15.27 -5.89
C21 A1CCU K . 6.32 15.67 -4.59
C28 A1CCU K . 6.53 13.05 -1.82
C01 A1CCU K . -0.03 15.47 -4.96
C02 A1CCU K . -0.34 14.04 -5.35
C03 A1CCU K . -1.83 13.76 -5.09
C05 A1CCU K . -2.36 12.55 -5.76
C07 A1CCU K . -1.87 12.38 -7.14
C09 A1CCU K . -0.33 12.49 -7.18
C18 A1CCU K . 4.07 15.76 -4.68
C19 A1CCU K . 5.45 16.50 -4.93
C23 A1CCU K . 5.62 14.82 -3.34
C25 A1CCU K . 6.68 12.64 -3.96
C27 A1CCU K . 7.14 11.83 -1.96
C30 A1CCU K . 6.72 12.85 0.74
C33 A1CCU K . 7.57 11.03 -0.72
F08 A1CCU K . -2.28 11.13 -7.60
N24 A1CCU K . 6.26 13.54 -3.06
N26 A1CCU K . 7.22 11.57 -3.27
N29 A1CCU K . 6.31 13.61 -0.44
N31 A1CCU K . 6.49 13.41 2.09
N32 A1CCU K . 7.36 11.55 0.59
O04 A1CCU K . -2.61 14.90 -5.55
O06 A1CCU K . -3.84 12.62 -5.79
O10 A1CCU K . 0.12 12.23 -8.44
O12 A1CCU K . 1.26 14.44 -9.08
O13 A1CCU K . 2.77 12.69 -7.94
O15 A1CCU K . 4.09 14.73 -8.88
O16 A1CCU K . 4.37 14.18 -6.33
O20 A1CCU K . 5.52 17.73 -4.03
O22 A1CCU K . 7.54 16.37 -4.16
O34 A1CCU K . 8.10 9.94 -0.86
O35 A1CCU K . 4.41 14.62 -3.73
O36 A1CCU K . 5.36 12.73 -8.24
O37 A1CCU K . 1.86 12.41 -10.36
O38 A1CCU K . 0.07 13.85 -6.73
P11 A1CCU K . 1.51 12.97 -8.98
P14 A1CCU K . 4.17 13.58 -7.89
H171 A1CCU K . 2.55 14.93 -5.74
H172 A1CCU K . 3.56 16.05 -6.63
H211 A1CCU K . 6.56 14.99 -5.39
H012 A1CCU K . 0.89 15.50 -4.35
H011 A1CCU K . -0.86 15.88 -4.38
H013 A1CCU K . 0.12 16.07 -5.86
H021 A1CCU K . 0.24 13.37 -4.74
H031 A1CCU K . -1.95 13.64 -4.00
H051 A1CCU K . -2.02 11.69 -5.17
H071 A1CCU K . -2.28 13.12 -7.77
H091 A1CCU K . 0.12 11.74 -6.54
H181 A1CCU K . 3.35 16.44 -4.23
H191 A1CCU K . 5.59 16.77 -5.95
H231 A1CCU K . 5.67 15.45 -2.43
H251 A1CCU K . 6.59 12.72 -5.01
H311 A1CCU K . 6.05 14.31 2.19
H312 A1CCU K . 6.77 12.89 2.92
H321 A1CCU K . 7.64 11.02 1.40
H041 A1CCU K . -3.06 15.31 -4.78
H061 A1CCU K . -4.19 12.01 -5.15
H201 A1CCU K . 6.28 18.26 -4.27
H221 A1CCU K . 8.31 15.99 -4.60
P PO4 L . -4.86 8.88 -9.54
O1 PO4 L . -3.78 9.36 -8.59
O2 PO4 L . -5.50 7.64 -9.00
O3 PO4 L . -5.90 9.96 -9.68
O4 PO4 L . -4.24 8.62 -10.90
P PO4 M . 12.87 18.68 -16.88
O1 PO4 M . 13.28 19.96 -17.59
O2 PO4 M . 13.17 18.80 -15.41
O3 PO4 M . 11.40 18.44 -17.09
O4 PO4 M . 13.66 17.53 -17.47
P PO4 N . 7.84 28.15 10.36
O1 PO4 N . 6.46 28.72 10.56
O2 PO4 N . 7.80 26.65 10.52
O3 PO4 N . 8.78 28.73 11.39
O4 PO4 N . 8.33 28.49 8.97
P PO4 O . -7.76 2.24 5.92
O1 PO4 O . -6.56 3.01 6.42
O2 PO4 O . -7.56 0.77 6.17
O3 PO4 O . -9.01 2.72 6.63
O4 PO4 O . -7.92 2.49 4.43
P PO4 P . 8.18 17.08 -7.34
O1 PO4 P . 9.13 17.59 -8.39
O2 PO4 P . 8.97 16.40 -6.23
O3 PO4 P . 7.42 18.24 -6.76
O4 PO4 P . 7.22 16.09 -7.95
#